data_4R1U
#
_entry.id   4R1U
#
_cell.length_a   70.795
_cell.length_b   96.821
_cell.length_c   106.913
_cell.angle_alpha   90.000
_cell.angle_beta   90.000
_cell.angle_gamma   90.000
#
_symmetry.space_group_name_H-M   'P 21 21 21'
#
loop_
_entity.id
_entity.type
_entity.pdbx_description
1 polymer 'Cinnamoyl CoA reductase'
2 non-polymer 'ACETATE ION'
3 water water
#
_entity_poly.entity_id   1
_entity_poly.type   'polypeptide(L)'
_entity_poly.pdbx_seq_one_letter_code
;GSHGGSEFELRRQASCLDNTSSVSGGDQTVCVTGAGGFIASWLVKLLLERGYTVRGTVRNPEDPKNGHLKELEGARERLT
LHKVDLLDLQSIQSVVHGCHGVFHTASPVTDNPDEMLEPAVNGTKNVIIASAEAKVRRVVFTSSIGTVYMDPNTSRDVVV
DESYWSDLEHCKNTKNWYCYGKTVAEQSAWDIAKENQVDLVVVNPVVVLGPLLQPTINASTIHILKYLNGAAKTYVNATQ
SYVHVKDVALAHLLVYETNSASGRYICCETALHRGEVVEILAKYFPEYPLPTKCSDEKNPRVKPYKFSNQKLKDLGLEFT
PVKQCLYDTVRSLQEKGHLPIPPMQEDSA
;
_entity_poly.pdbx_strand_id   A,B
#
loop_
_chem_comp.id
_chem_comp.type
_chem_comp.name
_chem_comp.formula
ACT non-polymer 'ACETATE ION' 'C2 H3 O2 -1'
#
# COMPACT_ATOMS: atom_id res chain seq x y z
N ASP A 27 -8.75 -10.25 6.07
CA ASP A 27 -7.63 -11.17 6.31
C ASP A 27 -6.32 -10.46 6.67
N GLN A 28 -6.40 -9.24 7.17
CA GLN A 28 -5.19 -8.44 7.36
C GLN A 28 -4.63 -8.39 8.77
N THR A 29 -3.34 -8.11 8.84
CA THR A 29 -2.66 -7.88 10.10
C THR A 29 -2.33 -6.40 10.20
N VAL A 30 -2.69 -5.77 11.32
CA VAL A 30 -2.38 -4.35 11.51
C VAL A 30 -1.73 -4.07 12.86
N CYS A 31 -0.93 -3.02 12.90
CA CYS A 31 -0.30 -2.63 14.16
C CYS A 31 -1.00 -1.40 14.78
N VAL A 32 -1.24 -1.46 16.09
CA VAL A 32 -1.77 -0.33 16.84
C VAL A 32 -0.80 0.03 17.95
N THR A 33 -0.23 1.24 17.90
CA THR A 33 0.66 1.70 18.94
C THR A 33 -0.08 2.26 20.16
N GLY A 34 0.49 2.06 21.33
CA GLY A 34 -0.07 2.55 22.58
C GLY A 34 -1.45 1.98 22.77
N ALA A 35 -1.54 0.67 22.59
CA ALA A 35 -2.82 -0.03 22.43
C ALA A 35 -3.77 0.11 23.62
N GLY A 36 -3.24 0.51 24.76
CA GLY A 36 -4.02 0.57 25.99
C GLY A 36 -4.64 1.94 26.31
N GLY A 37 -4.35 2.94 25.49
CA GLY A 37 -4.93 4.25 25.66
C GLY A 37 -6.42 4.29 25.36
N PHE A 38 -7.03 5.46 25.54
CA PHE A 38 -8.46 5.65 25.38
C PHE A 38 -8.92 5.36 23.95
N ILE A 39 -8.46 6.17 22.99
CA ILE A 39 -8.80 5.94 21.59
C ILE A 39 -8.33 4.56 21.09
N ALA A 40 -7.08 4.23 21.38
CA ALA A 40 -6.47 3.00 20.84
C ALA A 40 -7.23 1.73 21.23
N SER A 41 -7.74 1.69 22.46
CA SER A 41 -8.43 0.51 22.94
C SER A 41 -9.72 0.32 22.17
N TRP A 42 -10.42 1.41 21.93
CA TRP A 42 -11.67 1.33 21.21
C TRP A 42 -11.42 1.00 19.74
N LEU A 43 -10.28 1.45 19.23
CA LEU A 43 -9.84 1.09 17.89
C LEU A 43 -9.49 -0.40 17.81
N VAL A 44 -8.78 -0.90 18.81
CA VAL A 44 -8.44 -2.32 18.84
C VAL A 44 -9.72 -3.15 18.84
N LYS A 45 -10.69 -2.72 19.64
CA LYS A 45 -11.97 -3.39 19.76
C LYS A 45 -12.65 -3.46 18.40
N LEU A 46 -12.75 -2.32 17.75
CA LEU A 46 -13.32 -2.24 16.40
C LEU A 46 -12.59 -3.18 15.40
N LEU A 47 -11.26 -3.15 15.41
CA LEU A 47 -10.51 -3.94 14.47
C LEU A 47 -10.73 -5.44 14.70
N LEU A 48 -10.82 -5.84 15.96
CA LEU A 48 -11.12 -7.22 16.29
C LEU A 48 -12.51 -7.66 15.81
N GLU A 49 -13.48 -6.75 15.92
CA GLU A 49 -14.84 -7.04 15.46
C GLU A 49 -14.93 -7.20 13.95
N ARG A 50 -14.11 -6.44 13.21
CA ARG A 50 -14.07 -6.56 11.76
C ARG A 50 -13.07 -7.63 11.27
N GLY A 51 -12.64 -8.55 12.15
CA GLY A 51 -11.88 -9.70 11.72
C GLY A 51 -10.38 -9.48 11.52
N TYR A 52 -9.90 -8.26 11.78
CA TYR A 52 -8.47 -7.98 11.68
C TYR A 52 -7.67 -8.78 12.67
N THR A 53 -6.45 -9.11 12.29
CA THR A 53 -5.49 -9.62 13.23
C THR A 53 -4.70 -8.39 13.68
N VAL A 54 -4.51 -8.28 14.99
CA VAL A 54 -3.97 -7.07 15.61
C VAL A 54 -2.71 -7.27 16.45
N ARG A 55 -1.72 -6.43 16.19
CA ARG A 55 -0.52 -6.37 17.00
C ARG A 55 -0.53 -5.07 17.76
N GLY A 56 -0.97 -5.11 19.01
CA GLY A 56 -0.96 -3.91 19.82
C GLY A 56 0.38 -3.76 20.51
N THR A 57 1.00 -2.60 20.37
CA THR A 57 2.27 -2.35 21.06
C THR A 57 2.02 -1.61 22.38
N VAL A 58 2.65 -2.08 23.45
CA VAL A 58 2.57 -1.41 24.75
C VAL A 58 3.94 -1.33 25.45
N ARG A 59 4.00 -0.57 26.54
CA ARG A 59 5.24 -0.47 27.32
C ARG A 59 5.54 -1.76 28.09
N ASN A 60 4.49 -2.34 28.68
CA ASN A 60 4.58 -3.60 29.42
C ASN A 60 3.29 -4.40 29.30
N PRO A 61 3.32 -5.48 28.50
CA PRO A 61 2.14 -6.31 28.23
C PRO A 61 1.51 -6.93 29.47
N GLU A 62 2.32 -7.45 30.39
CA GLU A 62 1.78 -8.13 31.57
C GLU A 62 1.51 -7.16 32.71
N ASP A 63 1.01 -5.98 32.35
CA ASP A 63 0.62 -4.96 33.31
C ASP A 63 -0.91 -4.88 33.32
N PRO A 64 -1.50 -4.75 34.52
CA PRO A 64 -2.95 -4.65 34.75
C PRO A 64 -3.67 -3.61 33.87
N LYS A 65 -3.09 -2.44 33.67
CA LYS A 65 -3.78 -1.38 32.93
C LYS A 65 -3.96 -1.72 31.45
N ASN A 66 -3.38 -2.83 31.02
CA ASN A 66 -3.55 -3.31 29.66
C ASN A 66 -4.47 -4.51 29.62
N GLY A 67 -4.82 -5.02 30.79
CA GLY A 67 -5.57 -6.27 30.91
C GLY A 67 -6.95 -6.31 30.27
N HIS A 68 -7.52 -5.14 30.01
CA HIS A 68 -8.86 -5.10 29.41
C HIS A 68 -8.83 -5.44 27.92
N LEU A 69 -7.66 -5.31 27.29
CA LEU A 69 -7.56 -5.64 25.88
C LEU A 69 -7.75 -7.13 25.66
N LYS A 70 -7.04 -7.94 26.44
CA LYS A 70 -7.10 -9.40 26.31
C LYS A 70 -8.51 -9.97 26.49
N GLU A 71 -9.40 -9.16 27.04
CA GLU A 71 -10.77 -9.61 27.27
C GLU A 71 -11.75 -9.25 26.15
N LEU A 72 -11.28 -8.53 25.14
CA LEU A 72 -12.17 -8.10 24.06
C LEU A 72 -12.62 -9.26 23.18
N GLU A 73 -13.78 -9.11 22.54
CA GLU A 73 -14.28 -10.14 21.65
C GLU A 73 -13.36 -10.33 20.47
N GLY A 74 -12.74 -11.51 20.39
CA GLY A 74 -11.84 -11.85 19.31
C GLY A 74 -10.39 -11.71 19.68
N ALA A 75 -10.13 -11.18 20.87
CA ALA A 75 -8.76 -10.94 21.30
C ALA A 75 -7.96 -12.22 21.44
N ARG A 76 -8.61 -13.27 21.96
CA ARG A 76 -7.97 -14.57 22.18
C ARG A 76 -7.43 -15.10 20.87
N GLU A 77 -8.28 -15.11 19.86
CA GLU A 77 -7.95 -15.57 18.53
C GLU A 77 -6.99 -14.65 17.73
N ARG A 78 -7.17 -13.33 17.80
CA ARG A 78 -6.54 -12.45 16.84
C ARG A 78 -5.79 -11.20 17.36
N LEU A 79 -5.58 -11.14 18.67
CA LEU A 79 -4.88 -10.00 19.26
C LEU A 79 -3.61 -10.43 19.99
N THR A 80 -2.48 -9.81 19.66
CA THR A 80 -1.26 -10.02 20.43
C THR A 80 -0.75 -8.68 20.92
N LEU A 81 -0.18 -8.66 22.13
CA LEU A 81 0.40 -7.46 22.69
C LEU A 81 1.89 -7.62 22.66
N HIS A 82 2.60 -6.53 22.38
CA HIS A 82 4.03 -6.63 22.17
C HIS A 82 4.70 -5.53 22.96
N LYS A 83 5.81 -5.89 23.60
CA LYS A 83 6.61 -4.95 24.38
C LYS A 83 7.47 -4.14 23.43
N VAL A 84 7.08 -2.89 23.18
CA VAL A 84 7.78 -2.09 22.18
C VAL A 84 8.17 -0.74 22.74
N ASP A 85 9.41 -0.36 22.47
CA ASP A 85 9.89 0.96 22.78
C ASP A 85 10.02 1.72 21.46
N LEU A 86 9.23 2.77 21.29
CA LEU A 86 9.22 3.46 20.00
C LEU A 86 10.53 4.22 19.73
N LEU A 87 11.33 4.43 20.76
CA LEU A 87 12.57 5.17 20.59
C LEU A 87 13.70 4.23 20.14
N ASP A 88 13.43 2.93 20.20
CA ASP A 88 14.32 1.89 19.70
C ASP A 88 13.83 1.38 18.34
N LEU A 89 14.47 1.83 17.26
CA LEU A 89 13.97 1.56 15.90
C LEU A 89 13.75 0.09 15.63
N GLN A 90 14.68 -0.77 16.06
CA GLN A 90 14.56 -2.22 15.84
C GLN A 90 13.40 -2.83 16.59
N SER A 91 13.00 -2.20 17.69
CA SER A 91 11.90 -2.72 18.48
C SER A 91 10.56 -2.59 17.75
N ILE A 92 10.29 -1.40 17.20
CA ILE A 92 9.06 -1.21 16.44
C ILE A 92 9.17 -1.93 15.08
N GLN A 93 10.37 -1.94 14.50
CA GLN A 93 10.61 -2.60 13.21
C GLN A 93 10.16 -4.06 13.18
N SER A 94 10.46 -4.83 14.22
CA SER A 94 10.15 -6.26 14.20
C SER A 94 8.67 -6.52 14.34
N VAL A 95 7.97 -5.58 14.94
CA VAL A 95 6.53 -5.71 15.09
C VAL A 95 5.80 -5.26 13.81
N VAL A 96 6.35 -4.23 13.16
CA VAL A 96 5.74 -3.66 11.97
C VAL A 96 5.88 -4.59 10.74
N HIS A 97 7.00 -5.29 10.63
CA HIS A 97 7.17 -6.28 9.55
C HIS A 97 6.01 -7.28 9.49
N GLY A 98 5.41 -7.40 8.32
CA GLY A 98 4.30 -8.30 8.14
C GLY A 98 2.94 -7.61 8.20
N CYS A 99 2.92 -6.34 8.62
CA CYS A 99 1.66 -5.62 8.77
C CYS A 99 1.27 -4.95 7.46
N HIS A 100 -0.02 -4.90 7.19
CA HIS A 100 -0.55 -4.16 6.05
C HIS A 100 -0.76 -2.70 6.42
N GLY A 101 -0.97 -2.45 7.72
CA GLY A 101 -1.33 -1.12 8.15
C GLY A 101 -0.86 -0.81 9.55
N VAL A 102 -0.59 0.44 9.81
CA VAL A 102 -0.12 0.85 11.12
C VAL A 102 -0.97 2.00 11.60
N PHE A 103 -1.55 1.84 12.79
CA PHE A 103 -2.25 2.94 13.42
C PHE A 103 -1.36 3.48 14.56
N HIS A 104 -0.78 4.65 14.33
CA HIS A 104 0.05 5.29 15.35
C HIS A 104 -0.79 6.28 16.12
N THR A 105 -1.23 5.88 17.32
CA THR A 105 -2.15 6.66 18.13
C THR A 105 -1.45 7.57 19.12
N ALA A 106 -0.12 7.51 19.13
CA ALA A 106 0.64 8.15 20.19
C ALA A 106 1.61 9.17 19.62
N PRO A 113 3.25 19.53 28.37
CA PRO A 113 3.52 18.91 27.05
C PRO A 113 4.86 19.36 26.44
N ASP A 114 5.56 20.28 27.11
CA ASP A 114 6.84 20.81 26.64
C ASP A 114 7.98 19.76 26.61
N GLU A 115 7.97 18.84 27.57
CA GLU A 115 9.03 17.83 27.68
C GLU A 115 8.79 16.56 26.84
N MET A 116 7.53 16.31 26.47
CA MET A 116 7.21 15.13 25.69
C MET A 116 7.47 15.30 24.19
N LEU A 117 7.57 16.55 23.72
CA LEU A 117 7.67 16.85 22.29
C LEU A 117 8.76 16.09 21.52
N GLU A 118 10.02 16.29 21.91
CA GLU A 118 11.13 15.64 21.21
C GLU A 118 11.04 14.11 21.16
N PRO A 119 10.79 13.46 22.31
CA PRO A 119 10.66 12.00 22.20
C PRO A 119 9.45 11.55 21.38
N ALA A 120 8.31 12.24 21.49
CA ALA A 120 7.14 11.86 20.70
C ALA A 120 7.48 11.93 19.22
N VAL A 121 8.16 13.01 18.82
CA VAL A 121 8.55 13.21 17.43
C VAL A 121 9.54 12.15 16.97
N ASN A 122 10.49 11.81 17.83
CA ASN A 122 11.44 10.74 17.53
C ASN A 122 10.77 9.36 17.38
N GLY A 123 9.79 9.07 18.23
CA GLY A 123 9.07 7.82 18.17
C GLY A 123 8.22 7.71 16.90
N THR A 124 7.53 8.79 16.57
CA THR A 124 6.77 8.87 15.32
C THR A 124 7.67 8.66 14.11
N LYS A 125 8.85 9.27 14.15
CA LYS A 125 9.78 9.12 13.04
C LYS A 125 10.13 7.65 12.88
N ASN A 126 10.36 6.97 14.00
CA ASN A 126 10.69 5.54 13.95
C ASN A 126 9.55 4.69 13.42
N VAL A 127 8.31 5.07 13.76
CA VAL A 127 7.17 4.32 13.27
C VAL A 127 7.08 4.46 11.76
N ILE A 128 7.25 5.69 11.27
CA ILE A 128 7.16 5.95 9.85
C ILE A 128 8.29 5.28 9.07
N ILE A 129 9.52 5.46 9.52
CA ILE A 129 10.68 4.77 8.92
C ILE A 129 10.48 3.26 8.92
N ALA A 130 9.99 2.69 10.02
CA ALA A 130 9.78 1.24 10.09
C ALA A 130 8.68 0.77 9.16
N SER A 131 7.69 1.63 8.94
CA SER A 131 6.57 1.31 8.06
C SER A 131 7.03 1.29 6.59
N ALA A 132 7.87 2.26 6.21
CA ALA A 132 8.49 2.28 4.89
C ALA A 132 9.29 0.99 4.60
N GLU A 133 10.11 0.58 5.55
CA GLU A 133 10.94 -0.62 5.39
C GLU A 133 10.09 -1.90 5.34
N ALA A 134 9.02 -1.95 6.12
CA ALA A 134 8.14 -3.11 6.14
C ALA A 134 7.19 -3.12 4.94
N LYS A 135 7.17 -2.03 4.18
CA LYS A 135 6.30 -1.89 3.03
C LYS A 135 4.82 -2.05 3.42
N VAL A 136 4.37 -1.33 4.44
CA VAL A 136 2.95 -1.38 4.80
C VAL A 136 2.21 -0.56 3.77
N ARG A 137 0.92 -0.84 3.60
CA ARG A 137 0.13 -0.07 2.66
C ARG A 137 -0.09 1.36 3.17
N ARG A 138 -0.49 1.51 4.43
CA ARG A 138 -0.79 2.86 4.91
C ARG A 138 -0.59 3.05 6.41
N VAL A 139 -0.18 4.25 6.78
CA VAL A 139 -0.05 4.63 8.16
C VAL A 139 -1.16 5.62 8.50
N VAL A 140 -1.89 5.36 9.57
CA VAL A 140 -2.86 6.31 10.09
C VAL A 140 -2.31 6.92 11.37
N PHE A 141 -2.18 8.24 11.40
CA PHE A 141 -1.59 8.95 12.52
C PHE A 141 -2.66 9.74 13.25
N THR A 142 -2.74 9.51 14.56
CA THR A 142 -3.70 10.23 15.38
C THR A 142 -3.13 11.55 15.84
N SER A 143 -3.78 12.63 15.41
CA SER A 143 -3.33 13.96 15.73
C SER A 143 -4.38 14.61 16.61
N SER A 144 -4.77 15.83 16.27
CA SER A 144 -5.64 16.60 17.13
C SER A 144 -6.19 17.83 16.40
N ILE A 145 -7.39 18.25 16.82
CA ILE A 145 -7.94 19.52 16.38
C ILE A 145 -7.01 20.69 16.74
N GLY A 146 -6.15 20.50 17.73
CA GLY A 146 -5.19 21.50 18.12
C GLY A 146 -4.18 21.89 17.03
N THR A 147 -4.10 21.10 15.96
CA THR A 147 -3.17 21.43 14.89
C THR A 147 -3.90 22.18 13.81
N VAL A 148 -5.19 22.38 14.02
CA VAL A 148 -6.00 22.92 12.96
C VAL A 148 -6.31 24.40 13.15
N TYR A 149 -6.76 24.77 14.34
CA TYR A 149 -7.51 26.02 14.51
C TYR A 149 -6.77 27.16 15.25
N MET A 150 -5.62 26.85 15.85
CA MET A 150 -4.94 27.82 16.72
C MET A 150 -4.12 28.85 15.95
N ASP A 151 -4.82 29.78 15.31
CA ASP A 151 -4.24 30.86 14.53
C ASP A 151 -5.13 32.09 14.74
N PRO A 152 -4.53 33.22 15.14
CA PRO A 152 -5.24 34.50 15.37
C PRO A 152 -6.17 34.89 14.23
N ASN A 153 -5.81 34.54 13.00
CA ASN A 153 -6.65 34.81 11.85
C ASN A 153 -7.88 33.90 11.77
N THR A 154 -7.90 32.88 12.61
CA THR A 154 -9.00 31.93 12.61
C THR A 154 -10.09 32.32 13.61
N SER A 155 -11.19 32.84 13.09
CA SER A 155 -12.28 33.33 13.91
C SER A 155 -13.25 32.23 14.32
N ARG A 156 -14.12 32.54 15.27
CA ARG A 156 -15.18 31.62 15.66
C ARG A 156 -16.42 31.79 14.77
N ASP A 157 -16.25 32.51 13.66
CA ASP A 157 -17.36 32.85 12.76
C ASP A 157 -17.19 32.19 11.40
N VAL A 158 -15.98 31.72 11.11
CA VAL A 158 -15.71 31.02 9.87
C VAL A 158 -15.92 29.50 10.06
N VAL A 159 -16.23 28.79 8.99
CA VAL A 159 -16.27 27.33 9.02
C VAL A 159 -14.86 26.78 8.78
N VAL A 160 -14.28 26.17 9.81
CA VAL A 160 -12.90 25.71 9.75
C VAL A 160 -12.82 24.28 9.22
N ASP A 161 -12.04 24.08 8.17
CA ASP A 161 -11.83 22.73 7.64
C ASP A 161 -10.35 22.32 7.63
N GLU A 162 -10.05 21.24 6.92
CA GLU A 162 -8.74 20.63 6.99
C GLU A 162 -7.63 21.50 6.36
N SER A 163 -8.02 22.60 5.72
CA SER A 163 -7.04 23.47 5.08
C SER A 163 -6.44 24.46 6.09
N TYR A 164 -6.98 24.51 7.29
CA TYR A 164 -6.49 25.41 8.31
C TYR A 164 -5.39 24.77 9.15
N TRP A 165 -4.35 25.53 9.43
CA TRP A 165 -3.28 25.05 10.28
C TRP A 165 -3.07 26.03 11.42
N SER A 166 -2.74 25.51 12.59
CA SER A 166 -2.37 26.36 13.72
C SER A 166 -1.07 27.13 13.45
N ASP A 167 -0.88 28.20 14.22
CA ASP A 167 0.30 29.06 14.11
C ASP A 167 1.27 28.71 15.22
N LEU A 168 2.43 28.17 14.84
CA LEU A 168 3.43 27.77 15.83
C LEU A 168 3.86 28.94 16.73
N GLU A 169 4.02 30.12 16.12
CA GLU A 169 4.45 31.30 16.86
C GLU A 169 3.38 31.73 17.85
N HIS A 170 2.13 31.72 17.41
CA HIS A 170 1.02 32.11 18.27
C HIS A 170 0.83 31.14 19.41
N CYS A 171 1.01 29.85 19.14
CA CYS A 171 0.91 28.84 20.19
C CYS A 171 2.02 29.08 21.20
N LYS A 172 3.21 29.38 20.68
CA LYS A 172 4.37 29.63 21.51
C LYS A 172 4.20 30.90 22.33
N ASN A 173 3.75 31.97 21.69
CA ASN A 173 3.46 33.23 22.39
C ASN A 173 2.55 33.05 23.61
N THR A 174 1.60 32.12 23.51
CA THR A 174 0.55 32.00 24.51
C THR A 174 0.73 30.80 25.45
N LYS A 175 1.94 30.28 25.53
CA LYS A 175 2.24 29.06 26.30
C LYS A 175 1.26 27.89 26.07
N ASN A 176 0.61 27.89 24.91
CA ASN A 176 -0.23 26.78 24.51
C ASN A 176 0.67 25.65 24.02
N TRP A 177 1.28 24.93 24.96
CA TRP A 177 2.26 23.93 24.60
C TRP A 177 1.63 22.67 24.02
N TYR A 178 0.37 22.42 24.36
CA TYR A 178 -0.37 21.31 23.76
C TYR A 178 -0.48 21.52 22.26
N CYS A 179 -1.00 22.67 21.85
CA CYS A 179 -1.25 22.93 20.44
C CYS A 179 0.04 23.06 19.64
N TYR A 180 1.05 23.63 20.27
CA TYR A 180 2.38 23.77 19.68
C TYR A 180 2.95 22.40 19.36
N GLY A 181 2.95 21.53 20.37
CA GLY A 181 3.56 20.23 20.25
C GLY A 181 2.82 19.31 19.28
N LYS A 182 1.51 19.30 19.36
CA LYS A 182 0.71 18.54 18.40
C LYS A 182 1.01 19.03 17.00
N THR A 183 1.08 20.35 16.82
CA THR A 183 1.32 20.90 15.48
C THR A 183 2.69 20.51 14.94
N VAL A 184 3.72 20.65 15.78
CA VAL A 184 5.06 20.19 15.42
C VAL A 184 5.09 18.69 15.05
N ALA A 185 4.57 17.85 15.94
CA ALA A 185 4.49 16.41 15.69
C ALA A 185 3.82 16.08 14.36
N GLU A 186 2.67 16.66 14.10
CA GLU A 186 1.96 16.35 12.85
C GLU A 186 2.72 16.85 11.61
N GLN A 187 3.34 18.01 11.70
CA GLN A 187 4.15 18.49 10.58
C GLN A 187 5.35 17.55 10.39
N SER A 188 5.92 17.09 11.49
CA SER A 188 7.04 16.16 11.40
C SER A 188 6.58 14.86 10.72
N ALA A 189 5.40 14.37 11.10
CA ALA A 189 4.85 13.14 10.51
C ALA A 189 4.73 13.25 8.98
N TRP A 190 4.11 14.33 8.51
CA TRP A 190 3.96 14.58 7.08
C TRP A 190 5.31 14.58 6.35
N ASP A 191 6.28 15.29 6.92
CA ASP A 191 7.59 15.44 6.29
C ASP A 191 8.32 14.11 6.23
N ILE A 192 8.31 13.38 7.34
CA ILE A 192 8.99 12.09 7.37
C ILE A 192 8.28 11.10 6.42
N ALA A 193 6.95 11.16 6.38
CA ALA A 193 6.19 10.30 5.47
C ALA A 193 6.50 10.63 4.01
N LYS A 194 6.63 11.91 3.72
CA LYS A 194 6.91 12.37 2.37
C LYS A 194 8.32 11.99 1.95
N GLU A 195 9.28 12.12 2.86
CA GLU A 195 10.64 11.71 2.58
C GLU A 195 10.74 10.22 2.23
N ASN A 196 9.90 9.40 2.84
CA ASN A 196 9.98 7.95 2.67
C ASN A 196 8.94 7.39 1.72
N GLN A 197 8.18 8.28 1.07
CA GLN A 197 7.08 7.89 0.19
C GLN A 197 6.12 6.90 0.83
N VAL A 198 5.83 7.14 2.11
CA VAL A 198 4.86 6.37 2.87
C VAL A 198 3.48 7.03 2.76
N ASP A 199 2.47 6.22 2.50
CA ASP A 199 1.09 6.71 2.47
C ASP A 199 0.65 6.95 3.92
N LEU A 200 0.52 8.23 4.28
CA LEU A 200 0.12 8.61 5.62
C LEU A 200 -1.19 9.38 5.58
N VAL A 201 -2.15 9.02 6.43
CA VAL A 201 -3.33 9.84 6.62
C VAL A 201 -3.48 10.19 8.10
N VAL A 202 -4.17 11.27 8.39
CA VAL A 202 -4.22 11.81 9.74
C VAL A 202 -5.66 12.05 10.20
N VAL A 203 -5.97 11.67 11.43
CA VAL A 203 -7.25 12.01 12.03
C VAL A 203 -7.04 13.10 13.08
N ASN A 204 -7.89 14.12 13.08
CA ASN A 204 -7.78 15.22 14.03
C ASN A 204 -9.02 15.31 14.93
N PRO A 205 -9.06 14.54 16.01
CA PRO A 205 -10.22 14.61 16.88
C PRO A 205 -10.23 15.81 17.77
N VAL A 206 -11.45 16.26 18.08
CA VAL A 206 -11.73 17.25 19.12
C VAL A 206 -11.71 16.55 20.49
N VAL A 207 -12.34 17.09 21.51
CA VAL A 207 -12.40 16.37 22.79
C VAL A 207 -13.22 15.07 22.68
N VAL A 208 -12.62 13.99 23.15
CA VAL A 208 -13.17 12.67 22.98
C VAL A 208 -13.88 12.16 24.23
N LEU A 209 -15.16 11.86 24.12
CA LEU A 209 -15.93 11.33 25.25
C LEU A 209 -16.38 9.91 24.99
N GLY A 210 -16.96 9.29 25.99
CA GLY A 210 -17.64 8.01 25.80
C GLY A 210 -17.32 7.04 26.90
N PRO A 211 -17.78 5.79 26.75
CA PRO A 211 -17.58 4.78 27.79
C PRO A 211 -16.11 4.46 27.93
N LEU A 212 -15.70 4.10 29.14
CA LEU A 212 -14.31 3.75 29.41
C LEU A 212 -14.13 2.23 29.31
N LEU A 213 -12.94 1.81 28.89
CA LEU A 213 -12.58 0.40 28.96
C LEU A 213 -11.53 0.22 30.06
N GLN A 214 -10.63 1.20 30.14
CA GLN A 214 -9.63 1.31 31.19
C GLN A 214 -10.18 2.31 32.26
N PRO A 215 -9.37 2.72 33.27
CA PRO A 215 -10.07 3.49 34.31
C PRO A 215 -9.70 4.97 34.47
N THR A 216 -9.30 5.67 33.42
CA THR A 216 -8.65 6.98 33.60
C THR A 216 -9.45 8.16 33.01
N ILE A 217 -8.91 8.73 31.92
CA ILE A 217 -9.57 9.67 30.99
C ILE A 217 -9.46 11.18 31.35
N ASN A 218 -9.77 12.01 30.37
CA ASN A 218 -9.29 13.37 30.25
C ASN A 218 -9.82 14.40 31.22
N ALA A 219 -9.39 15.65 30.99
CA ALA A 219 -9.74 16.79 31.82
C ALA A 219 -11.20 17.21 31.67
N SER A 220 -11.81 16.93 30.52
CA SER A 220 -13.21 17.28 30.32
C SER A 220 -14.10 16.35 31.15
N THR A 221 -13.84 15.04 31.02
CA THR A 221 -14.54 14.04 31.80
C THR A 221 -14.32 14.28 33.29
N ILE A 222 -13.14 14.78 33.63
CA ILE A 222 -12.87 15.13 35.01
C ILE A 222 -13.73 16.31 35.44
N HIS A 223 -13.91 17.27 34.55
CA HIS A 223 -14.80 18.39 34.85
C HIS A 223 -16.24 17.91 35.00
N ILE A 224 -16.66 17.02 34.10
CA ILE A 224 -17.99 16.42 34.14
C ILE A 224 -18.15 15.66 35.46
N LEU A 225 -17.10 14.96 35.87
CA LEU A 225 -17.13 14.26 37.14
C LEU A 225 -17.29 15.25 38.30
N LYS A 226 -16.61 16.39 38.18
CA LYS A 226 -16.64 17.38 39.25
C LYS A 226 -17.97 18.09 39.32
N TYR A 227 -18.67 18.15 38.19
CA TYR A 227 -20.05 18.61 38.21
C TYR A 227 -20.89 17.62 39.05
N LEU A 228 -20.79 16.35 38.68
CA LEU A 228 -21.72 15.33 39.15
C LEU A 228 -21.42 14.84 40.56
N ASN A 229 -20.25 15.17 41.08
CA ASN A 229 -19.93 14.79 42.44
C ASN A 229 -20.06 15.96 43.40
N GLY A 230 -20.46 17.12 42.87
CA GLY A 230 -20.70 18.29 43.70
C GLY A 230 -19.47 19.11 44.06
N ALA A 231 -18.32 18.80 43.48
CA ALA A 231 -17.09 19.54 43.76
C ALA A 231 -17.14 20.90 43.09
N ALA A 232 -17.83 20.97 41.96
CA ALA A 232 -17.93 22.21 41.21
C ALA A 232 -19.39 22.71 41.09
N LYS A 233 -19.70 23.78 41.81
CA LYS A 233 -21.02 24.40 41.80
C LYS A 233 -21.13 25.55 40.79
N THR A 234 -20.05 25.84 40.09
CA THR A 234 -20.14 26.73 38.94
C THR A 234 -19.54 26.10 37.69
N TYR A 235 -19.83 26.70 36.55
CA TYR A 235 -19.28 26.28 35.29
C TYR A 235 -18.67 27.50 34.61
N VAL A 236 -17.59 27.31 33.86
CA VAL A 236 -16.89 28.44 33.26
C VAL A 236 -17.55 28.88 31.95
N ASN A 237 -17.21 30.09 31.52
CA ASN A 237 -17.73 30.61 30.27
C ASN A 237 -16.81 30.18 29.14
N ALA A 238 -16.97 28.93 28.70
CA ALA A 238 -16.17 28.36 27.62
C ALA A 238 -16.99 27.36 26.84
N THR A 239 -16.53 27.08 25.62
CA THR A 239 -17.16 26.11 24.75
C THR A 239 -16.15 25.03 24.41
N GLN A 240 -16.64 23.96 23.81
CA GLN A 240 -15.79 22.84 23.46
C GLN A 240 -16.49 22.00 22.41
N SER A 241 -15.71 21.44 21.49
CA SER A 241 -16.25 20.48 20.53
C SER A 241 -16.03 19.06 21.05
N TYR A 242 -17.07 18.23 20.96
CA TYR A 242 -17.00 16.85 21.43
C TYR A 242 -17.21 15.84 20.30
N VAL A 243 -16.76 14.61 20.54
CA VAL A 243 -16.95 13.51 19.60
C VAL A 243 -16.92 12.18 20.35
N HIS A 244 -17.79 11.26 19.97
CA HIS A 244 -17.80 9.95 20.59
C HIS A 244 -16.54 9.13 20.21
N VAL A 245 -15.96 8.48 21.21
CA VAL A 245 -14.75 7.70 21.00
C VAL A 245 -14.94 6.61 19.95
N LYS A 246 -16.15 6.09 19.85
CA LYS A 246 -16.44 5.04 18.87
C LYS A 246 -16.39 5.60 17.45
N ASP A 247 -16.78 6.86 17.31
CA ASP A 247 -16.70 7.55 16.02
C ASP A 247 -15.23 7.74 15.63
N VAL A 248 -14.41 8.10 16.62
CA VAL A 248 -12.99 8.36 16.36
C VAL A 248 -12.31 7.10 15.85
N ALA A 249 -12.66 5.97 16.46
CA ALA A 249 -12.14 4.67 16.06
C ALA A 249 -12.59 4.36 14.65
N LEU A 250 -13.87 4.61 14.39
CA LEU A 250 -14.46 4.31 13.11
C LEU A 250 -13.85 5.22 12.05
N ALA A 251 -13.57 6.46 12.41
CA ALA A 251 -12.89 7.34 11.49
C ALA A 251 -11.50 6.77 11.13
N HIS A 252 -10.79 6.26 12.14
CA HIS A 252 -9.46 5.70 11.89
C HIS A 252 -9.51 4.56 10.89
N LEU A 253 -10.46 3.66 11.07
CA LEU A 253 -10.58 2.52 10.18
C LEU A 253 -11.02 2.93 8.78
N LEU A 254 -11.95 3.88 8.72
CA LEU A 254 -12.46 4.32 7.43
C LEU A 254 -11.31 4.89 6.60
N VAL A 255 -10.41 5.64 7.23
CA VAL A 255 -9.35 6.28 6.45
C VAL A 255 -8.24 5.29 6.13
N TYR A 256 -8.21 4.16 6.85
CA TYR A 256 -7.30 3.10 6.46
C TYR A 256 -7.87 2.27 5.30
N GLU A 257 -9.16 1.91 5.39
CA GLU A 257 -9.80 1.02 4.42
C GLU A 257 -10.11 1.70 3.08
N THR A 258 -10.40 3.00 3.12
CA THR A 258 -10.80 3.67 1.89
C THR A 258 -9.59 4.05 1.05
N ASN A 259 -9.40 3.32 -0.04
CA ASN A 259 -8.22 3.50 -0.89
C ASN A 259 -7.98 4.95 -1.25
N SER A 260 -9.06 5.70 -1.44
CA SER A 260 -8.96 7.11 -1.87
C SER A 260 -8.73 8.13 -0.73
N ALA A 261 -8.70 7.66 0.51
CA ALA A 261 -8.47 8.57 1.64
C ALA A 261 -7.11 9.25 1.51
N SER A 262 -7.08 10.56 1.75
CA SER A 262 -5.86 11.33 1.63
C SER A 262 -5.95 12.54 2.55
N GLY A 263 -4.81 12.95 3.13
CA GLY A 263 -4.77 14.17 3.92
C GLY A 263 -5.23 14.06 5.37
N ARG A 264 -5.73 15.18 5.88
CA ARG A 264 -6.19 15.30 7.27
C ARG A 264 -7.67 15.09 7.37
N TYR A 265 -8.15 14.70 8.57
CA TYR A 265 -9.56 14.40 8.78
C TYR A 265 -10.06 14.91 10.13
N ILE A 266 -10.80 16.00 10.11
CA ILE A 266 -11.40 16.50 11.34
C ILE A 266 -12.47 15.53 11.84
N CYS A 267 -12.38 15.18 13.12
CA CYS A 267 -13.30 14.25 13.70
C CYS A 267 -14.05 14.94 14.83
N CYS A 268 -15.19 15.54 14.50
CA CYS A 268 -15.97 16.25 15.50
C CYS A 268 -17.45 16.03 15.23
N GLU A 269 -18.26 16.10 16.30
CA GLU A 269 -19.71 16.09 16.14
C GLU A 269 -20.18 17.54 16.16
N THR A 270 -20.44 18.07 17.35
CA THR A 270 -20.87 19.46 17.51
C THR A 270 -20.29 20.02 18.79
N ALA A 271 -20.37 21.34 18.92
CA ALA A 271 -19.74 22.03 20.05
C ALA A 271 -20.80 22.48 21.03
N LEU A 272 -20.44 22.50 22.31
CA LEU A 272 -21.35 22.89 23.36
C LEU A 272 -20.64 23.83 24.31
N HIS A 273 -21.37 24.84 24.78
CA HIS A 273 -20.91 25.65 25.88
C HIS A 273 -21.03 24.80 27.15
N ARG A 274 -20.23 25.10 28.17
CA ARG A 274 -20.31 24.38 29.44
C ARG A 274 -21.74 24.37 30.04
N GLY A 275 -22.39 25.52 30.03
CA GLY A 275 -23.80 25.62 30.42
C GLY A 275 -24.72 24.68 29.67
N GLU A 276 -24.43 24.44 28.38
CA GLU A 276 -25.22 23.49 27.59
C GLU A 276 -24.98 22.05 28.02
N VAL A 277 -23.74 21.74 28.41
CA VAL A 277 -23.41 20.43 28.96
C VAL A 277 -24.19 20.22 30.24
N VAL A 278 -24.20 21.23 31.11
CA VAL A 278 -24.93 21.15 32.37
C VAL A 278 -26.42 20.89 32.13
N GLU A 279 -27.02 21.60 31.18
CA GLU A 279 -28.44 21.43 30.88
C GLU A 279 -28.77 20.03 30.36
N ILE A 280 -27.85 19.46 29.60
CA ILE A 280 -28.03 18.08 29.13
C ILE A 280 -28.00 17.12 30.31
N LEU A 281 -26.99 17.25 31.16
CA LEU A 281 -26.87 16.38 32.33
C LEU A 281 -28.07 16.53 33.26
N ALA A 282 -28.65 17.72 33.27
CA ALA A 282 -29.81 17.98 34.12
C ALA A 282 -31.06 17.20 33.66
N LYS A 283 -31.21 17.07 32.35
CA LYS A 283 -32.34 16.36 31.75
C LYS A 283 -32.19 14.86 31.90
N TYR A 284 -30.96 14.36 31.76
CA TYR A 284 -30.69 12.92 31.84
C TYR A 284 -30.51 12.48 33.27
N PHE A 285 -29.87 13.32 34.09
CA PHE A 285 -29.52 12.91 35.44
C PHE A 285 -29.99 13.87 36.51
N PRO A 286 -31.32 14.17 36.55
CA PRO A 286 -31.83 15.18 37.49
C PRO A 286 -31.54 14.89 38.97
N GLU A 287 -31.22 13.65 39.33
CA GLU A 287 -30.98 13.32 40.74
C GLU A 287 -29.60 13.75 41.26
N TYR A 288 -28.70 14.10 40.35
CA TYR A 288 -27.31 14.40 40.68
C TYR A 288 -27.07 15.89 40.89
N PRO A 289 -26.09 16.25 41.74
CA PRO A 289 -25.74 17.65 41.86
C PRO A 289 -25.12 18.13 40.56
N LEU A 290 -25.25 19.42 40.29
CA LEU A 290 -24.68 20.04 39.10
C LEU A 290 -24.33 21.46 39.52
N PRO A 291 -23.48 22.14 38.74
CA PRO A 291 -23.33 23.57 39.02
C PRO A 291 -24.67 24.34 38.91
N THR A 292 -24.79 25.42 39.66
CA THR A 292 -26.03 26.19 39.67
C THR A 292 -25.97 27.45 38.80
N LYS A 293 -24.76 27.86 38.41
CA LYS A 293 -24.60 29.07 37.60
C LYS A 293 -23.20 29.18 36.96
N CYS A 294 -23.07 30.10 35.99
CA CYS A 294 -21.78 30.39 35.37
C CYS A 294 -20.97 31.27 36.32
N SER A 295 -19.69 30.97 36.44
CA SER A 295 -18.78 31.74 37.29
C SER A 295 -18.51 33.12 36.70
N ASP A 296 -18.95 33.34 35.47
CA ASP A 296 -18.83 34.62 34.81
C ASP A 296 -20.18 35.05 34.27
N GLU A 297 -20.86 35.94 34.99
CA GLU A 297 -22.19 36.39 34.56
C GLU A 297 -22.19 37.83 34.05
N LYS A 298 -21.01 38.42 34.00
CA LYS A 298 -20.87 39.79 33.54
C LYS A 298 -20.54 39.87 32.03
N ASN A 299 -19.90 38.83 31.51
CA ASN A 299 -19.58 38.78 30.07
C ASN A 299 -20.58 37.93 29.30
N PRO A 300 -20.72 38.17 27.99
CA PRO A 300 -21.58 37.35 27.14
C PRO A 300 -21.03 35.94 26.91
N ARG A 301 -21.91 34.97 26.68
CA ARG A 301 -21.51 33.58 26.46
C ARG A 301 -20.61 33.42 25.26
N VAL A 302 -19.43 32.89 25.49
CA VAL A 302 -18.47 32.62 24.43
C VAL A 302 -19.08 31.71 23.38
N LYS A 303 -18.84 32.05 22.11
CA LYS A 303 -19.37 31.26 21.00
C LYS A 303 -18.36 30.21 20.57
N PRO A 304 -18.85 29.05 20.10
CA PRO A 304 -17.93 27.95 19.79
C PRO A 304 -17.25 28.14 18.45
N TYR A 305 -16.21 27.37 18.19
CA TYR A 305 -15.64 27.32 16.86
C TYR A 305 -16.55 26.47 15.97
N LYS A 306 -16.60 26.80 14.68
CA LYS A 306 -17.34 26.00 13.70
C LYS A 306 -16.38 25.09 12.94
N PHE A 307 -16.38 23.80 13.26
CA PHE A 307 -15.53 22.85 12.56
C PHE A 307 -16.33 22.01 11.56
N SER A 308 -15.75 21.77 10.39
CA SER A 308 -16.40 20.91 9.39
C SER A 308 -15.95 19.47 9.55
N ASN A 309 -16.92 18.56 9.64
CA ASN A 309 -16.65 17.13 9.61
C ASN A 309 -17.10 16.53 8.29
N GLN A 310 -17.21 17.37 7.27
CA GLN A 310 -17.74 16.94 5.97
C GLN A 310 -16.86 15.90 5.29
N LYS A 311 -15.54 15.95 5.55
CA LYS A 311 -14.65 15.01 4.90
C LYS A 311 -14.93 13.56 5.34
N LEU A 312 -15.10 13.35 6.64
CA LEU A 312 -15.48 12.03 7.15
C LEU A 312 -16.92 11.64 6.80
N LYS A 313 -17.83 12.61 6.78
CA LYS A 313 -19.21 12.33 6.36
C LYS A 313 -19.22 11.81 4.92
N ASP A 314 -18.42 12.42 4.06
CA ASP A 314 -18.31 12.00 2.67
C ASP A 314 -17.76 10.59 2.52
N LEU A 315 -16.99 10.10 3.51
CA LEU A 315 -16.53 8.71 3.46
C LEU A 315 -17.60 7.81 4.06
N GLY A 316 -18.69 8.43 4.53
CA GLY A 316 -19.83 7.70 5.03
C GLY A 316 -19.88 7.49 6.54
N LEU A 317 -19.24 8.38 7.29
CA LEU A 317 -19.26 8.26 8.73
C LEU A 317 -20.48 9.00 9.28
N GLU A 318 -21.29 8.30 10.06
CA GLU A 318 -22.41 8.94 10.73
C GLU A 318 -22.09 9.12 12.21
N PHE A 319 -22.12 10.37 12.65
CA PHE A 319 -21.70 10.70 14.00
C PHE A 319 -22.80 10.53 15.03
N THR A 320 -22.43 9.92 16.14
CA THR A 320 -23.24 9.88 17.35
C THR A 320 -23.39 11.28 17.95
N PRO A 321 -24.64 11.75 18.09
CA PRO A 321 -24.92 13.10 18.61
C PRO A 321 -24.29 13.31 19.97
N VAL A 322 -23.91 14.54 20.29
CA VAL A 322 -23.19 14.79 21.55
C VAL A 322 -23.95 14.40 22.82
N LYS A 323 -25.27 14.56 22.80
CA LYS A 323 -26.10 14.18 23.94
C LYS A 323 -25.82 12.75 24.36
N GLN A 324 -25.71 11.87 23.36
CA GLN A 324 -25.45 10.46 23.61
C GLN A 324 -24.02 10.24 24.10
N CYS A 325 -23.09 11.10 23.66
CA CYS A 325 -21.71 11.02 24.17
C CYS A 325 -21.67 11.27 25.66
N LEU A 326 -22.36 12.33 26.08
CA LEU A 326 -22.42 12.69 27.50
C LEU A 326 -23.13 11.61 28.30
N TYR A 327 -24.21 11.06 27.75
CA TYR A 327 -24.92 9.98 28.43
C TYR A 327 -24.00 8.78 28.72
N ASP A 328 -23.34 8.28 27.68
CA ASP A 328 -22.47 7.11 27.78
C ASP A 328 -21.30 7.37 28.72
N THR A 329 -20.75 8.58 28.67
CA THR A 329 -19.70 8.96 29.60
C THR A 329 -20.15 8.82 31.05
N VAL A 330 -21.30 9.40 31.37
CA VAL A 330 -21.75 9.34 32.76
C VAL A 330 -22.08 7.91 33.22
N ARG A 331 -22.73 7.13 32.37
CA ARG A 331 -23.03 5.73 32.70
C ARG A 331 -21.75 4.98 33.05
N SER A 332 -20.73 5.19 32.24
CA SER A 332 -19.45 4.56 32.45
C SER A 332 -18.79 5.01 33.76
N LEU A 333 -18.92 6.29 34.10
CA LEU A 333 -18.41 6.76 35.39
C LEU A 333 -19.15 6.08 36.54
N GLN A 334 -20.43 5.81 36.34
CA GLN A 334 -21.22 5.08 37.34
C GLN A 334 -20.77 3.62 37.44
N GLU A 335 -20.84 2.91 36.33
CA GLU A 335 -20.46 1.49 36.28
C GLU A 335 -19.05 1.22 36.80
N LYS A 336 -18.12 2.12 36.51
CA LYS A 336 -16.74 1.95 36.96
C LYS A 336 -16.49 2.48 38.38
N GLY A 337 -17.54 3.01 39.01
CA GLY A 337 -17.45 3.46 40.39
C GLY A 337 -16.69 4.75 40.66
N HIS A 338 -16.62 5.64 39.68
CA HIS A 338 -16.03 6.96 39.91
C HIS A 338 -17.11 7.92 40.39
N LEU A 339 -18.36 7.49 40.22
CA LEU A 339 -19.48 8.32 40.61
C LEU A 339 -20.29 7.65 41.71
N PRO A 340 -20.35 8.30 42.88
CA PRO A 340 -21.14 7.86 44.03
C PRO A 340 -22.64 7.85 43.72
N ASP B 27 8.39 -10.08 6.47
CA ASP B 27 7.55 -11.24 6.17
C ASP B 27 6.29 -10.84 5.45
N GLN B 28 6.43 -10.39 4.21
CA GLN B 28 5.27 -10.14 3.36
C GLN B 28 4.82 -11.36 2.55
N THR B 29 3.52 -11.40 2.26
CA THR B 29 2.94 -12.40 1.40
C THR B 29 2.55 -11.74 0.07
N VAL B 30 3.00 -12.34 -1.02
CA VAL B 30 2.61 -11.82 -2.32
C VAL B 30 1.96 -12.88 -3.18
N CYS B 31 1.07 -12.44 -4.06
CA CYS B 31 0.46 -13.35 -5.01
C CYS B 31 1.12 -13.20 -6.38
N VAL B 32 1.40 -14.32 -7.05
CA VAL B 32 1.89 -14.34 -8.43
C VAL B 32 0.94 -15.15 -9.29
N THR B 33 0.31 -14.51 -10.27
CA THR B 33 -0.63 -15.20 -11.15
C THR B 33 0.13 -15.85 -12.30
N GLY B 34 -0.44 -16.91 -12.87
CA GLY B 34 0.19 -17.64 -13.96
C GLY B 34 1.58 -18.09 -13.57
N ALA B 35 1.70 -18.60 -12.35
CA ALA B 35 2.97 -18.85 -11.69
C ALA B 35 3.90 -19.80 -12.45
N GLY B 36 3.33 -20.62 -13.33
CA GLY B 36 4.09 -21.64 -14.03
C GLY B 36 4.76 -21.16 -15.31
N GLY B 37 4.46 -19.94 -15.73
CA GLY B 37 5.04 -19.39 -16.95
C GLY B 37 6.50 -19.00 -16.82
N PHE B 38 7.08 -18.62 -17.94
CA PHE B 38 8.50 -18.32 -18.06
C PHE B 38 8.95 -17.21 -17.11
N ILE B 39 8.41 -16.01 -17.32
CA ILE B 39 8.75 -14.88 -16.47
C ILE B 39 8.33 -15.16 -15.02
N ALA B 40 7.08 -15.56 -14.84
CA ALA B 40 6.54 -15.79 -13.51
C ALA B 40 7.36 -16.75 -12.65
N SER B 41 7.86 -17.84 -13.25
CA SER B 41 8.70 -18.79 -12.51
C SER B 41 10.02 -18.20 -12.01
N TRP B 42 10.63 -17.33 -12.78
CA TRP B 42 11.86 -16.70 -12.33
C TRP B 42 11.59 -15.65 -11.27
N LEU B 43 10.42 -15.04 -11.35
CA LEU B 43 9.96 -14.10 -10.34
C LEU B 43 9.65 -14.80 -9.01
N VAL B 44 9.00 -15.96 -9.06
CA VAL B 44 8.74 -16.71 -7.84
C VAL B 44 10.08 -17.13 -7.22
N LYS B 45 11.02 -17.54 -8.07
CA LYS B 45 12.34 -17.93 -7.61
C LYS B 45 13.02 -16.77 -6.89
N LEU B 46 12.98 -15.59 -7.51
CA LEU B 46 13.56 -14.40 -6.90
C LEU B 46 12.86 -14.00 -5.61
N LEU B 47 11.54 -14.15 -5.58
CA LEU B 47 10.77 -13.75 -4.41
C LEU B 47 11.10 -14.66 -3.24
N LEU B 48 11.23 -15.96 -3.55
CA LEU B 48 11.57 -16.95 -2.55
C LEU B 48 12.97 -16.69 -1.98
N GLU B 49 13.93 -16.42 -2.85
CA GLU B 49 15.28 -16.04 -2.40
C GLU B 49 15.29 -14.83 -1.47
N ARG B 50 14.46 -13.84 -1.75
CA ARG B 50 14.44 -12.60 -0.98
C ARG B 50 13.58 -12.70 0.29
N GLY B 51 13.12 -13.90 0.62
CA GLY B 51 12.37 -14.09 1.84
C GLY B 51 10.86 -14.02 1.79
N TYR B 52 10.27 -13.57 0.67
CA TYR B 52 8.81 -13.45 0.57
C TYR B 52 8.10 -14.77 0.80
N THR B 53 6.85 -14.68 1.22
CA THR B 53 5.96 -15.83 1.19
C THR B 53 5.12 -15.67 -0.08
N VAL B 54 4.98 -16.75 -0.84
CA VAL B 54 4.40 -16.64 -2.17
C VAL B 54 3.19 -17.54 -2.39
N ARG B 55 2.10 -16.94 -2.85
CA ARG B 55 0.96 -17.69 -3.33
C ARG B 55 0.96 -17.64 -4.85
N GLY B 56 1.39 -18.73 -5.47
CA GLY B 56 1.32 -18.85 -6.91
C GLY B 56 -0.04 -19.40 -7.33
N THR B 57 -0.70 -18.74 -8.27
CA THR B 57 -1.97 -19.22 -8.79
C THR B 57 -1.79 -19.88 -10.15
N VAL B 58 -2.47 -21.00 -10.37
CA VAL B 58 -2.37 -21.74 -11.63
C VAL B 58 -3.69 -22.42 -12.02
N ARG B 59 -3.79 -22.87 -13.26
CA ARG B 59 -4.98 -23.59 -13.69
C ARG B 59 -5.13 -24.92 -12.93
N ASN B 60 -4.02 -25.64 -12.80
CA ASN B 60 -4.00 -26.90 -12.06
C ASN B 60 -2.65 -27.22 -11.42
N PRO B 61 -2.58 -27.16 -10.09
CA PRO B 61 -1.35 -27.32 -9.30
C PRO B 61 -0.66 -28.67 -9.42
N GLU B 62 -1.36 -29.69 -9.88
CA GLU B 62 -0.77 -31.03 -9.94
C GLU B 62 -0.25 -31.33 -11.33
N ASP B 63 -0.70 -30.55 -12.31
CA ASP B 63 -0.18 -30.64 -13.67
C ASP B 63 1.33 -30.63 -13.62
N PRO B 64 1.96 -31.61 -14.29
CA PRO B 64 3.40 -31.76 -14.41
C PRO B 64 4.12 -30.45 -14.73
N LYS B 65 3.50 -29.58 -15.54
CA LYS B 65 4.08 -28.29 -15.90
C LYS B 65 4.55 -27.48 -14.68
N ASN B 66 3.73 -27.46 -13.64
CA ASN B 66 3.98 -26.63 -12.46
C ASN B 66 4.91 -27.30 -11.45
N GLY B 67 5.50 -28.41 -11.85
CA GLY B 67 6.34 -29.18 -10.94
C GLY B 67 7.71 -28.59 -10.61
N HIS B 68 8.22 -27.72 -11.48
CA HIS B 68 9.53 -27.13 -11.23
C HIS B 68 9.47 -26.10 -10.11
N LEU B 69 8.29 -25.53 -9.90
CA LEU B 69 8.08 -24.52 -8.86
C LEU B 69 8.36 -25.06 -7.46
N LYS B 70 7.80 -26.23 -7.16
CA LYS B 70 7.91 -26.83 -5.83
C LYS B 70 9.36 -27.18 -5.44
N GLU B 71 10.24 -27.22 -6.44
CA GLU B 71 11.65 -27.55 -6.22
C GLU B 71 12.53 -26.34 -5.96
N LEU B 72 11.99 -25.14 -6.16
CA LEU B 72 12.76 -23.92 -5.95
C LEU B 72 13.21 -23.78 -4.51
N GLU B 73 14.43 -23.29 -4.32
CA GLU B 73 14.92 -23.05 -2.97
C GLU B 73 13.97 -22.11 -2.24
N GLY B 74 13.57 -22.52 -1.04
CA GLY B 74 12.62 -21.77 -0.25
C GLY B 74 11.16 -22.11 -0.53
N ALA B 75 10.90 -22.91 -1.56
CA ALA B 75 9.52 -23.18 -1.94
C ALA B 75 8.76 -24.01 -0.92
N ARG B 76 9.40 -25.01 -0.33
CA ARG B 76 8.67 -25.83 0.64
C ARG B 76 8.31 -24.98 1.88
N GLU B 77 9.24 -24.14 2.33
CA GLU B 77 8.92 -23.22 3.43
C GLU B 77 7.88 -22.16 3.07
N ARG B 78 7.95 -21.59 1.87
CA ARG B 78 7.20 -20.36 1.60
C ARG B 78 6.38 -20.26 0.30
N LEU B 79 6.26 -21.35 -0.44
CA LEU B 79 5.47 -21.35 -1.66
C LEU B 79 4.24 -22.22 -1.52
N THR B 80 3.08 -21.67 -1.92
CA THR B 80 1.88 -22.46 -2.05
C THR B 80 1.27 -22.23 -3.43
N LEU B 81 0.79 -23.30 -4.05
CA LEU B 81 0.16 -23.22 -5.35
C LEU B 81 -1.32 -23.34 -5.17
N HIS B 82 -2.08 -22.51 -5.88
CA HIS B 82 -3.52 -22.44 -5.69
C HIS B 82 -4.23 -22.57 -7.02
N LYS B 83 -5.32 -23.32 -7.02
CA LYS B 83 -6.15 -23.47 -8.20
C LYS B 83 -7.00 -22.22 -8.33
N VAL B 84 -6.70 -21.40 -9.32
CA VAL B 84 -7.42 -20.14 -9.49
C VAL B 84 -7.87 -19.97 -10.93
N ASP B 85 -9.07 -19.45 -11.09
CA ASP B 85 -9.59 -19.14 -12.40
C ASP B 85 -9.86 -17.63 -12.40
N LEU B 86 -9.12 -16.88 -13.21
CA LEU B 86 -9.20 -15.43 -13.13
C LEU B 86 -10.55 -14.88 -13.59
N LEU B 87 -11.27 -15.68 -14.38
CA LEU B 87 -12.58 -15.27 -14.86
C LEU B 87 -13.62 -15.42 -13.76
N ASP B 88 -13.23 -16.07 -12.67
CA ASP B 88 -14.09 -16.28 -11.52
C ASP B 88 -13.61 -15.39 -10.36
N LEU B 89 -14.27 -14.24 -10.19
CA LEU B 89 -13.86 -13.23 -9.22
C LEU B 89 -13.59 -13.76 -7.83
N GLN B 90 -14.50 -14.59 -7.31
CA GLN B 90 -14.34 -15.08 -5.95
C GLN B 90 -13.16 -16.02 -5.80
N SER B 91 -12.77 -16.66 -6.90
CA SER B 91 -11.61 -17.52 -6.90
C SER B 91 -10.31 -16.74 -6.63
N ILE B 92 -10.05 -15.69 -7.43
CA ILE B 92 -8.83 -14.91 -7.25
C ILE B 92 -8.90 -14.11 -5.95
N GLN B 93 -10.09 -13.61 -5.63
CA GLN B 93 -10.32 -12.84 -4.40
C GLN B 93 -9.90 -13.63 -3.16
N SER B 94 -10.16 -14.93 -3.12
CA SER B 94 -9.90 -15.68 -1.91
C SER B 94 -8.41 -15.88 -1.67
N VAL B 95 -7.66 -15.93 -2.75
CA VAL B 95 -6.21 -16.04 -2.67
C VAL B 95 -5.54 -14.68 -2.37
N VAL B 96 -6.07 -13.61 -2.93
CA VAL B 96 -5.44 -12.29 -2.82
C VAL B 96 -5.62 -11.70 -1.42
N HIS B 97 -6.65 -12.16 -0.70
CA HIS B 97 -6.89 -11.69 0.67
C HIS B 97 -5.68 -12.03 1.53
N GLY B 98 -5.14 -11.02 2.19
CA GLY B 98 -3.98 -11.21 3.06
C GLY B 98 -2.66 -10.93 2.37
N CYS B 99 -2.68 -10.69 1.07
CA CYS B 99 -1.46 -10.35 0.36
C CYS B 99 -1.14 -8.88 0.54
N HIS B 100 0.15 -8.57 0.56
CA HIS B 100 0.64 -7.19 0.56
C HIS B 100 0.83 -6.75 -0.88
N GLY B 101 1.07 -7.72 -1.76
CA GLY B 101 1.37 -7.42 -3.14
C GLY B 101 0.84 -8.47 -4.11
N VAL B 102 0.55 -8.02 -5.32
CA VAL B 102 0.08 -8.92 -6.37
C VAL B 102 0.92 -8.71 -7.62
N PHE B 103 1.53 -9.79 -8.11
CA PHE B 103 2.19 -9.77 -9.40
C PHE B 103 1.29 -10.50 -10.40
N HIS B 104 0.62 -9.71 -11.22
CA HIS B 104 -0.21 -10.25 -12.27
C HIS B 104 0.58 -10.31 -13.58
N THR B 105 1.08 -11.50 -13.89
CA THR B 105 1.96 -11.74 -15.03
C THR B 105 1.19 -12.09 -16.32
N ALA B 106 -0.13 -12.27 -16.21
CA ALA B 106 -1.06 -12.40 -17.36
C ALA B 106 -0.78 -13.50 -18.41
N SER B 107 -1.64 -13.54 -19.43
CA SER B 107 -1.50 -14.48 -20.54
C SER B 107 -2.37 -14.03 -21.71
N MET B 116 -7.95 -14.26 -27.53
CA MET B 116 -7.85 -14.40 -26.08
C MET B 116 -7.95 -13.05 -25.38
N LEU B 117 -8.15 -11.98 -26.16
CA LEU B 117 -8.12 -10.61 -25.64
C LEU B 117 -9.14 -10.27 -24.56
N GLU B 118 -10.41 -10.42 -24.89
CA GLU B 118 -11.48 -10.04 -23.96
C GLU B 118 -11.44 -10.79 -22.62
N PRO B 119 -11.21 -12.13 -22.63
CA PRO B 119 -10.98 -12.82 -21.35
C PRO B 119 -9.68 -12.40 -20.62
N ALA B 120 -8.68 -11.92 -21.35
CA ALA B 120 -7.46 -11.46 -20.71
C ALA B 120 -7.81 -10.22 -19.89
N VAL B 121 -8.58 -9.33 -20.50
CA VAL B 121 -9.00 -8.07 -19.91
C VAL B 121 -9.98 -8.29 -18.76
N ASN B 122 -10.83 -9.29 -18.88
CA ASN B 122 -11.75 -9.63 -17.82
C ASN B 122 -11.00 -10.22 -16.61
N GLY B 123 -9.99 -11.05 -16.86
CA GLY B 123 -9.21 -11.63 -15.77
C GLY B 123 -8.44 -10.54 -15.03
N THR B 124 -7.86 -9.62 -15.78
CA THR B 124 -7.06 -8.56 -15.19
C THR B 124 -7.94 -7.66 -14.32
N LYS B 125 -9.12 -7.34 -14.85
CA LYS B 125 -10.12 -6.56 -14.13
C LYS B 125 -10.41 -7.20 -12.78
N ASN B 126 -10.59 -8.51 -12.77
CA ASN B 126 -10.87 -9.20 -11.53
C ASN B 126 -9.68 -9.21 -10.57
N VAL B 127 -8.46 -9.33 -11.11
CA VAL B 127 -7.27 -9.28 -10.28
C VAL B 127 -7.26 -7.93 -9.55
N ILE B 128 -7.59 -6.88 -10.28
CA ILE B 128 -7.48 -5.52 -9.77
C ILE B 128 -8.62 -5.17 -8.83
N ILE B 129 -9.81 -5.69 -9.12
CA ILE B 129 -10.93 -5.58 -8.18
C ILE B 129 -10.61 -6.35 -6.90
N ALA B 130 -10.13 -7.58 -7.03
CA ALA B 130 -9.80 -8.39 -5.86
C ALA B 130 -8.73 -7.70 -5.01
N SER B 131 -7.72 -7.17 -5.68
CA SER B 131 -6.67 -6.39 -5.02
C SER B 131 -7.18 -5.17 -4.24
N ALA B 132 -8.10 -4.41 -4.84
CA ALA B 132 -8.70 -3.26 -4.15
C ALA B 132 -9.46 -3.68 -2.89
N GLU B 133 -10.23 -4.75 -3.00
CA GLU B 133 -11.04 -5.24 -1.88
C GLU B 133 -10.18 -5.83 -0.78
N ALA B 134 -9.02 -6.35 -1.17
CA ALA B 134 -8.10 -6.96 -0.21
C ALA B 134 -7.11 -5.93 0.39
N LYS B 135 -7.23 -4.67 -0.02
CA LYS B 135 -6.34 -3.62 0.49
C LYS B 135 -4.86 -3.94 0.31
N VAL B 136 -4.44 -4.31 -0.91
CA VAL B 136 -3.03 -4.64 -1.14
C VAL B 136 -2.28 -3.34 -1.35
N ARG B 137 -1.00 -3.32 -1.00
CA ARG B 137 -0.23 -2.12 -1.17
C ARG B 137 -0.11 -1.78 -2.66
N ARG B 138 0.24 -2.77 -3.47
CA ARG B 138 0.58 -2.50 -4.86
C ARG B 138 0.38 -3.70 -5.76
N VAL B 139 -0.12 -3.46 -6.97
CA VAL B 139 -0.23 -4.48 -7.99
C VAL B 139 0.86 -4.21 -9.02
N VAL B 140 1.61 -5.23 -9.40
CA VAL B 140 2.56 -5.07 -10.50
C VAL B 140 2.01 -5.86 -11.68
N PHE B 141 1.89 -5.19 -12.83
CA PHE B 141 1.30 -5.78 -14.03
C PHE B 141 2.34 -5.98 -15.13
N THR B 142 2.43 -7.20 -15.65
CA THR B 142 3.39 -7.47 -16.70
C THR B 142 2.79 -7.13 -18.05
N SER B 143 3.34 -6.12 -18.72
CA SER B 143 2.85 -5.76 -20.03
C SER B 143 3.87 -6.21 -21.07
N SER B 144 4.18 -5.33 -22.02
CA SER B 144 5.03 -5.67 -23.14
C SER B 144 5.53 -4.38 -23.79
N ILE B 145 6.73 -4.42 -24.34
CA ILE B 145 7.23 -3.33 -25.18
C ILE B 145 6.28 -3.02 -26.36
N GLY B 146 5.44 -3.98 -26.71
CA GLY B 146 4.46 -3.80 -27.79
C GLY B 146 3.40 -2.73 -27.51
N THR B 147 3.23 -2.33 -26.26
CA THR B 147 2.28 -1.26 -25.95
C THR B 147 2.99 0.08 -26.02
N VAL B 148 4.26 0.08 -26.40
CA VAL B 148 5.06 1.29 -26.33
C VAL B 148 5.38 1.87 -27.71
N TYR B 149 5.80 1.02 -28.64
CA TYR B 149 6.49 1.51 -29.83
C TYR B 149 5.69 1.46 -31.14
N MET B 150 4.54 0.78 -31.14
CA MET B 150 3.88 0.53 -32.42
C MET B 150 2.96 1.67 -32.86
N ASP B 151 3.59 2.73 -33.36
CA ASP B 151 2.90 3.92 -33.87
C ASP B 151 3.70 4.44 -35.06
N PRO B 152 3.01 4.74 -36.20
CA PRO B 152 3.72 5.12 -37.43
C PRO B 152 4.61 6.35 -37.24
N ASN B 153 4.24 7.25 -36.34
CA ASN B 153 5.07 8.41 -36.02
C ASN B 153 6.30 8.08 -35.19
N THR B 154 6.38 6.85 -34.68
CA THR B 154 7.56 6.43 -33.91
C THR B 154 8.62 5.84 -34.82
N SER B 155 9.71 6.58 -34.98
CA SER B 155 10.79 6.15 -35.85
C SER B 155 11.84 5.37 -35.06
N ARG B 156 12.88 4.93 -35.76
CA ARG B 156 13.96 4.17 -35.14
C ARG B 156 15.13 5.10 -34.79
N ASP B 157 14.95 6.39 -35.05
CA ASP B 157 16.02 7.35 -34.83
C ASP B 157 15.85 8.07 -33.50
N VAL B 158 14.68 7.91 -32.89
CA VAL B 158 14.42 8.54 -31.60
C VAL B 158 14.62 7.54 -30.46
N VAL B 159 15.07 8.05 -29.32
CA VAL B 159 15.10 7.27 -28.10
C VAL B 159 13.69 7.21 -27.51
N VAL B 160 13.06 6.04 -27.65
CA VAL B 160 11.69 5.80 -27.18
C VAL B 160 11.71 5.52 -25.69
N ASP B 161 10.81 6.16 -24.94
CA ASP B 161 10.71 5.91 -23.51
C ASP B 161 9.26 5.64 -23.09
N GLU B 162 8.99 5.70 -21.79
CA GLU B 162 7.69 5.32 -21.25
C GLU B 162 6.50 6.23 -21.60
N SER B 163 6.78 7.40 -22.17
CA SER B 163 5.70 8.32 -22.54
C SER B 163 5.10 7.94 -23.88
N TYR B 164 5.83 7.16 -24.67
CA TYR B 164 5.35 6.68 -25.96
C TYR B 164 4.27 5.62 -25.80
N TRP B 165 3.25 5.66 -26.65
CA TRP B 165 2.24 4.63 -26.66
C TRP B 165 1.99 4.12 -28.07
N SER B 166 1.75 2.82 -28.19
CA SER B 166 1.29 2.27 -29.45
C SER B 166 -0.07 2.86 -29.87
N ASP B 167 -0.26 2.94 -31.18
CA ASP B 167 -1.47 3.47 -31.81
C ASP B 167 -2.39 2.29 -32.06
N LEU B 168 -3.54 2.29 -31.42
CA LEU B 168 -4.49 1.19 -31.56
C LEU B 168 -4.91 0.98 -33.01
N GLU B 169 -5.31 2.06 -33.68
CA GLU B 169 -5.81 1.96 -35.04
C GLU B 169 -4.73 1.41 -35.96
N HIS B 170 -3.51 1.89 -35.77
CA HIS B 170 -2.37 1.43 -36.55
C HIS B 170 -2.11 -0.05 -36.39
N CYS B 171 -2.14 -0.55 -35.16
CA CYS B 171 -1.98 -1.98 -34.93
C CYS B 171 -3.12 -2.75 -35.56
N LYS B 172 -4.32 -2.19 -35.46
CA LYS B 172 -5.52 -2.82 -35.99
C LYS B 172 -5.49 -2.84 -37.51
N ASN B 173 -5.15 -1.70 -38.12
CA ASN B 173 -5.10 -1.62 -39.57
C ASN B 173 -3.92 -2.37 -40.18
N THR B 174 -2.95 -2.78 -39.37
CA THR B 174 -1.79 -3.52 -39.88
C THR B 174 -1.70 -4.96 -39.38
N LYS B 175 -2.80 -5.45 -38.82
CA LYS B 175 -2.91 -6.86 -38.40
C LYS B 175 -1.94 -7.31 -37.29
N ASN B 176 -1.23 -6.37 -36.66
CA ASN B 176 -0.46 -6.72 -35.46
C ASN B 176 -1.41 -6.87 -34.26
N TRP B 177 -1.96 -8.07 -34.09
CA TRP B 177 -2.97 -8.30 -33.05
C TRP B 177 -2.35 -8.45 -31.67
N TYR B 178 -1.11 -8.94 -31.63
CA TYR B 178 -0.34 -8.96 -30.39
C TYR B 178 -0.26 -7.57 -29.78
N CYS B 179 0.21 -6.61 -30.57
CA CYS B 179 0.40 -5.25 -30.07
C CYS B 179 -0.93 -4.59 -29.74
N TYR B 180 -1.95 -4.91 -30.54
CA TYR B 180 -3.28 -4.38 -30.31
C TYR B 180 -3.82 -4.89 -28.95
N GLY B 181 -3.75 -6.20 -28.77
CA GLY B 181 -4.24 -6.83 -27.54
C GLY B 181 -3.52 -6.34 -26.29
N LYS B 182 -2.19 -6.38 -26.31
CA LYS B 182 -1.40 -5.91 -25.17
C LYS B 182 -1.74 -4.47 -24.82
N THR B 183 -1.90 -3.64 -25.85
CA THR B 183 -2.18 -2.21 -25.64
C THR B 183 -3.55 -2.01 -25.01
N VAL B 184 -4.55 -2.73 -25.52
CA VAL B 184 -5.88 -2.65 -24.92
C VAL B 184 -5.82 -3.13 -23.46
N ALA B 185 -5.15 -4.26 -23.25
CA ALA B 185 -5.03 -4.82 -21.91
C ALA B 185 -4.36 -3.85 -20.93
N GLU B 186 -3.25 -3.26 -21.34
CA GLU B 186 -2.54 -2.33 -20.46
C GLU B 186 -3.37 -1.09 -20.19
N GLN B 187 -4.03 -0.56 -21.21
CA GLN B 187 -4.88 0.62 -21.04
C GLN B 187 -6.07 0.27 -20.16
N SER B 188 -6.56 -0.95 -20.28
CA SER B 188 -7.69 -1.31 -19.44
C SER B 188 -7.20 -1.36 -17.99
N ALA B 189 -6.04 -1.97 -17.79
CA ALA B 189 -5.47 -2.12 -16.44
C ALA B 189 -5.29 -0.78 -15.71
N TRP B 190 -4.86 0.24 -16.45
CA TRP B 190 -4.66 1.57 -15.86
C TRP B 190 -5.99 2.21 -15.47
N ASP B 191 -7.01 1.99 -16.30
CA ASP B 191 -8.33 2.59 -16.09
C ASP B 191 -9.02 1.97 -14.90
N ILE B 192 -8.91 0.66 -14.78
CA ILE B 192 -9.54 -0.06 -13.69
C ILE B 192 -8.78 0.18 -12.37
N ALA B 193 -7.47 0.29 -12.44
CA ALA B 193 -6.72 0.60 -11.22
C ALA B 193 -7.09 1.99 -10.73
N LYS B 194 -7.20 2.93 -11.68
CA LYS B 194 -7.54 4.31 -11.35
C LYS B 194 -8.99 4.45 -10.85
N GLU B 195 -9.90 3.67 -11.40
CA GLU B 195 -11.28 3.68 -10.91
C GLU B 195 -11.39 3.16 -9.47
N ASN B 196 -10.51 2.24 -9.07
CA ASN B 196 -10.58 1.63 -7.75
C ASN B 196 -9.51 2.15 -6.79
N GLN B 197 -8.79 3.19 -7.23
CA GLN B 197 -7.68 3.77 -6.46
C GLN B 197 -6.68 2.72 -5.96
N VAL B 198 -6.31 1.80 -6.86
CA VAL B 198 -5.28 0.80 -6.59
C VAL B 198 -3.94 1.30 -7.10
N ASP B 199 -2.90 1.15 -6.29
CA ASP B 199 -1.56 1.46 -6.76
C ASP B 199 -1.07 0.38 -7.75
N LEU B 200 -0.93 0.78 -9.01
CA LEU B 200 -0.53 -0.15 -10.07
C LEU B 200 0.72 0.31 -10.78
N VAL B 201 1.73 -0.55 -10.88
CA VAL B 201 2.88 -0.24 -11.73
C VAL B 201 3.02 -1.27 -12.82
N VAL B 202 3.64 -0.88 -13.92
CA VAL B 202 3.70 -1.72 -15.10
C VAL B 202 5.14 -1.90 -15.60
N VAL B 203 5.50 -3.15 -15.86
CA VAL B 203 6.75 -3.51 -16.50
C VAL B 203 6.49 -3.90 -17.95
N ASN B 204 7.27 -3.33 -18.86
CA ASN B 204 7.12 -3.53 -20.29
C ASN B 204 8.37 -4.17 -20.87
N PRO B 205 8.45 -5.51 -20.83
CA PRO B 205 9.70 -6.08 -21.33
C PRO B 205 9.73 -6.26 -22.84
N VAL B 206 10.93 -6.42 -23.36
CA VAL B 206 11.11 -6.74 -24.76
C VAL B 206 11.13 -8.25 -24.87
N VAL B 207 11.82 -8.79 -25.87
CA VAL B 207 11.88 -10.24 -25.99
C VAL B 207 12.71 -10.85 -24.84
N VAL B 208 12.09 -11.75 -24.10
CA VAL B 208 12.76 -12.33 -22.96
C VAL B 208 13.53 -13.61 -23.31
N LEU B 209 14.82 -13.63 -22.99
CA LEU B 209 15.65 -14.82 -23.19
C LEU B 209 16.22 -15.28 -21.87
N GLY B 210 16.84 -16.47 -21.86
CA GLY B 210 17.54 -16.93 -20.68
C GLY B 210 17.27 -18.39 -20.42
N PRO B 211 17.73 -18.90 -19.26
CA PRO B 211 17.60 -20.33 -18.98
C PRO B 211 16.17 -20.71 -18.73
N LEU B 212 15.80 -21.91 -19.15
CA LEU B 212 14.44 -22.39 -18.99
C LEU B 212 14.30 -23.09 -17.64
N LEU B 213 13.14 -22.91 -17.00
CA LEU B 213 12.78 -23.71 -15.82
C LEU B 213 11.77 -24.79 -16.21
N GLN B 214 11.36 -24.77 -17.49
CA GLN B 214 10.45 -25.75 -18.05
C GLN B 214 10.52 -25.66 -19.58
N PRO B 215 10.60 -26.83 -20.25
CA PRO B 215 10.71 -26.91 -21.71
C PRO B 215 9.53 -26.28 -22.47
N THR B 216 9.82 -25.25 -23.28
CA THR B 216 8.81 -24.46 -24.01
C THR B 216 9.47 -23.23 -24.68
N ILE B 217 8.77 -22.10 -24.64
CA ILE B 217 9.30 -20.74 -24.88
C ILE B 217 9.17 -20.16 -26.30
N ASN B 218 9.24 -18.83 -26.34
CA ASN B 218 8.91 -17.98 -27.48
C ASN B 218 9.49 -18.37 -28.83
N ALA B 219 8.97 -17.70 -29.85
CA ALA B 219 9.35 -17.96 -31.23
C ALA B 219 10.76 -17.43 -31.55
N SER B 220 11.26 -16.51 -30.73
CA SER B 220 12.61 -16.01 -30.90
C SER B 220 13.61 -17.10 -30.58
N THR B 221 13.42 -17.72 -29.40
CA THR B 221 14.17 -18.90 -29.01
C THR B 221 13.96 -20.06 -29.99
N ILE B 222 12.76 -20.15 -30.55
CA ILE B 222 12.49 -21.12 -31.59
C ILE B 222 13.38 -20.80 -32.80
N HIS B 223 13.48 -19.53 -33.15
CA HIS B 223 14.31 -19.14 -34.29
C HIS B 223 15.77 -19.47 -34.02
N ILE B 224 16.24 -19.18 -32.80
CA ILE B 224 17.60 -19.50 -32.42
C ILE B 224 17.82 -21.00 -32.51
N LEU B 225 16.82 -21.77 -32.08
CA LEU B 225 16.91 -23.22 -32.17
C LEU B 225 17.09 -23.67 -33.62
N LYS B 226 16.29 -23.07 -34.51
CA LYS B 226 16.32 -23.41 -35.94
C LYS B 226 17.65 -23.02 -36.58
N TYR B 227 18.31 -22.01 -36.03
CA TYR B 227 19.66 -21.68 -36.47
C TYR B 227 20.56 -22.88 -36.17
N LEU B 228 20.50 -23.33 -34.92
CA LEU B 228 21.54 -24.21 -34.39
C LEU B 228 21.31 -25.68 -34.72
N ASN B 229 20.16 -26.00 -35.31
CA ASN B 229 19.89 -27.36 -35.75
C ASN B 229 19.93 -27.55 -37.25
N GLY B 230 20.21 -26.47 -37.97
CA GLY B 230 20.37 -26.53 -39.42
C GLY B 230 19.09 -26.36 -40.21
N ALA B 231 17.97 -26.17 -39.53
CA ALA B 231 16.70 -25.98 -40.21
C ALA B 231 16.70 -24.67 -40.98
N ALA B 232 17.35 -23.67 -40.43
CA ALA B 232 17.36 -22.36 -41.08
C ALA B 232 18.76 -21.89 -41.48
N LYS B 233 19.02 -21.94 -42.78
CA LYS B 233 20.33 -21.57 -43.32
C LYS B 233 20.41 -20.10 -43.70
N THR B 234 19.32 -19.36 -43.50
CA THR B 234 19.33 -17.91 -43.76
C THR B 234 18.73 -17.19 -42.55
N TYR B 235 19.11 -15.93 -42.37
CA TYR B 235 18.50 -15.11 -41.34
C TYR B 235 17.74 -13.98 -42.02
N VAL B 236 16.64 -13.53 -41.41
CA VAL B 236 15.89 -12.43 -42.02
C VAL B 236 16.47 -11.07 -41.71
N ASN B 237 16.09 -10.07 -42.49
CA ASN B 237 16.50 -8.70 -42.25
C ASN B 237 15.57 -8.03 -41.25
N ALA B 238 15.82 -8.29 -39.96
CA ALA B 238 15.06 -7.69 -38.87
C ALA B 238 15.94 -7.54 -37.63
N THR B 239 15.53 -6.66 -36.74
CA THR B 239 16.17 -6.45 -35.47
C THR B 239 15.19 -6.81 -34.37
N GLN B 240 15.71 -6.88 -33.16
CA GLN B 240 14.92 -7.24 -32.01
C GLN B 240 15.66 -6.72 -30.76
N SER B 241 14.92 -6.32 -29.75
CA SER B 241 15.54 -5.95 -28.49
C SER B 241 15.39 -7.17 -27.56
N TYR B 242 16.42 -7.49 -26.78
CA TYR B 242 16.37 -8.66 -25.87
C TYR B 242 16.66 -8.28 -24.43
N VAL B 243 16.19 -9.11 -23.49
CA VAL B 243 16.42 -8.92 -22.07
C VAL B 243 16.45 -10.26 -21.34
N HIS B 244 17.33 -10.37 -20.35
CA HIS B 244 17.45 -11.58 -19.57
C HIS B 244 16.24 -11.74 -18.66
N VAL B 245 15.69 -12.95 -18.61
CA VAL B 245 14.54 -13.25 -17.76
C VAL B 245 14.79 -12.91 -16.28
N LYS B 246 16.03 -13.04 -15.83
CA LYS B 246 16.40 -12.69 -14.46
C LYS B 246 16.26 -11.19 -14.22
N ASP B 247 16.59 -10.41 -15.25
CA ASP B 247 16.45 -8.96 -15.15
C ASP B 247 14.98 -8.56 -15.09
N VAL B 248 14.14 -9.26 -15.85
CA VAL B 248 12.71 -9.02 -15.83
C VAL B 248 12.16 -9.27 -14.43
N ALA B 249 12.58 -10.38 -13.80
CA ALA B 249 12.11 -10.71 -12.46
C ALA B 249 12.58 -9.63 -11.50
N LEU B 250 13.85 -9.27 -11.60
CA LEU B 250 14.40 -8.26 -10.72
C LEU B 250 13.71 -6.90 -10.92
N ALA B 251 13.32 -6.60 -12.16
CA ALA B 251 12.61 -5.35 -12.41
C ALA B 251 11.25 -5.37 -11.72
N HIS B 252 10.58 -6.52 -11.75
CA HIS B 252 9.27 -6.62 -11.10
C HIS B 252 9.36 -6.37 -9.61
N LEU B 253 10.39 -6.94 -8.99
CA LEU B 253 10.59 -6.77 -7.56
C LEU B 253 10.97 -5.34 -7.22
N LEU B 254 11.84 -4.74 -8.04
CA LEU B 254 12.22 -3.34 -7.85
C LEU B 254 11.05 -2.36 -7.90
N VAL B 255 10.14 -2.53 -8.86
CA VAL B 255 9.00 -1.61 -8.94
C VAL B 255 8.00 -1.87 -7.83
N TYR B 256 8.00 -3.10 -7.32
CA TYR B 256 7.13 -3.40 -6.19
C TYR B 256 7.67 -2.82 -4.86
N GLU B 257 8.95 -3.05 -4.58
CA GLU B 257 9.58 -2.68 -3.33
C GLU B 257 9.85 -1.19 -3.13
N THR B 258 10.22 -0.51 -4.20
CA THR B 258 10.50 0.91 -4.12
C THR B 258 9.23 1.75 -4.00
N ASN B 259 9.00 2.32 -2.83
CA ASN B 259 7.77 3.09 -2.57
C ASN B 259 7.47 4.15 -3.63
N SER B 260 8.51 4.77 -4.16
CA SER B 260 8.35 5.86 -5.13
C SER B 260 8.16 5.38 -6.57
N ALA B 261 8.18 4.07 -6.79
CA ALA B 261 7.94 3.58 -8.14
C ALA B 261 6.56 3.98 -8.60
N SER B 262 6.40 4.20 -9.91
CA SER B 262 5.18 4.76 -10.43
C SER B 262 5.22 4.71 -11.94
N GLY B 263 4.09 4.45 -12.57
CA GLY B 263 4.03 4.41 -14.02
C GLY B 263 4.52 3.10 -14.63
N ARG B 264 5.11 3.24 -15.81
CA ARG B 264 5.51 2.14 -16.65
C ARG B 264 7.02 2.04 -16.63
N TYR B 265 7.54 0.85 -16.91
CA TYR B 265 8.97 0.64 -16.85
C TYR B 265 9.47 -0.17 -18.04
N ILE B 266 10.20 0.46 -18.94
CA ILE B 266 10.73 -0.28 -20.06
C ILE B 266 11.88 -1.16 -19.59
N CYS B 267 11.75 -2.45 -19.88
CA CYS B 267 12.70 -3.46 -19.45
C CYS B 267 13.41 -4.10 -20.66
N CYS B 268 14.59 -3.61 -20.99
CA CYS B 268 15.34 -4.15 -22.13
C CYS B 268 16.81 -3.90 -21.89
N GLU B 269 17.65 -4.60 -22.66
CA GLU B 269 19.08 -4.39 -22.58
C GLU B 269 19.55 -3.66 -23.84
N THR B 270 20.00 -4.39 -24.85
CA THR B 270 20.32 -3.78 -26.14
C THR B 270 19.61 -4.48 -27.30
N ALA B 271 19.64 -3.86 -28.46
CA ALA B 271 18.97 -4.40 -29.65
C ALA B 271 19.98 -5.04 -30.59
N LEU B 272 19.58 -6.06 -31.32
CA LEU B 272 20.47 -6.70 -32.27
C LEU B 272 19.74 -7.04 -33.55
N HIS B 273 20.47 -6.96 -34.66
CA HIS B 273 20.01 -7.50 -35.92
C HIS B 273 20.12 -9.03 -35.82
N ARG B 274 19.26 -9.78 -36.52
CA ARG B 274 19.38 -11.23 -36.54
C ARG B 274 20.81 -11.67 -36.94
N GLY B 275 21.44 -10.90 -37.82
CA GLY B 275 22.81 -11.15 -38.23
C GLY B 275 23.82 -11.01 -37.10
N GLU B 276 23.58 -10.05 -36.20
CA GLU B 276 24.39 -9.90 -34.99
C GLU B 276 24.21 -11.08 -34.03
N VAL B 277 22.97 -11.55 -33.89
CA VAL B 277 22.69 -12.74 -33.09
C VAL B 277 23.52 -13.90 -33.63
N VAL B 278 23.44 -14.12 -34.93
CA VAL B 278 24.23 -15.15 -35.59
C VAL B 278 25.75 -15.02 -35.33
N GLU B 279 26.30 -13.82 -35.50
CA GLU B 279 27.73 -13.62 -35.20
C GLU B 279 28.07 -14.00 -33.75
N ILE B 280 27.21 -13.62 -32.82
CA ILE B 280 27.43 -13.96 -31.42
C ILE B 280 27.44 -15.48 -31.21
N LEU B 281 26.52 -16.19 -31.85
CA LEU B 281 26.44 -17.64 -31.69
C LEU B 281 27.65 -18.32 -32.32
N ALA B 282 28.20 -17.71 -33.36
CA ALA B 282 29.34 -18.27 -34.06
C ALA B 282 30.60 -18.20 -33.20
N LYS B 283 30.73 -17.16 -32.38
CA LYS B 283 31.87 -17.01 -31.49
C LYS B 283 31.79 -17.96 -30.31
N TYR B 284 30.59 -18.12 -29.74
CA TYR B 284 30.41 -18.97 -28.58
C TYR B 284 30.24 -20.45 -28.95
N PHE B 285 29.59 -20.72 -30.08
CA PHE B 285 29.30 -22.10 -30.47
C PHE B 285 29.72 -22.46 -31.89
N PRO B 286 31.03 -22.35 -32.20
CA PRO B 286 31.52 -22.59 -33.56
C PRO B 286 31.25 -23.98 -34.13
N GLU B 287 30.99 -24.97 -33.27
CA GLU B 287 30.75 -26.33 -33.71
C GLU B 287 29.39 -26.50 -34.40
N TYR B 288 28.51 -25.53 -34.21
CA TYR B 288 27.11 -25.69 -34.62
C TYR B 288 26.82 -25.10 -35.98
N PRO B 289 25.84 -25.68 -36.68
CA PRO B 289 25.32 -25.04 -37.89
C PRO B 289 24.75 -23.67 -37.57
N LEU B 290 24.76 -22.77 -38.55
CA LEU B 290 24.17 -21.45 -38.41
C LEU B 290 23.79 -21.00 -39.79
N PRO B 291 22.92 -19.98 -39.91
CA PRO B 291 22.69 -19.39 -41.22
C PRO B 291 23.95 -18.77 -41.83
N THR B 292 23.96 -18.69 -43.17
CA THR B 292 25.17 -18.31 -43.90
C THR B 292 25.05 -16.94 -44.54
N LYS B 293 23.82 -16.42 -44.65
CA LYS B 293 23.58 -15.11 -45.22
C LYS B 293 22.18 -14.60 -44.89
N CYS B 294 21.97 -13.30 -45.10
CA CYS B 294 20.64 -12.72 -45.01
C CYS B 294 19.78 -13.17 -46.21
N SER B 295 18.51 -13.49 -45.97
CA SER B 295 17.61 -13.82 -47.07
C SER B 295 17.27 -12.56 -47.86
N ASP B 296 17.58 -11.41 -47.29
CA ASP B 296 17.40 -10.13 -47.98
C ASP B 296 18.71 -9.35 -47.99
N GLU B 297 19.48 -9.52 -49.05
CA GLU B 297 20.74 -8.81 -49.17
C GLU B 297 20.58 -7.55 -50.01
N LYS B 298 19.47 -7.49 -50.75
CA LYS B 298 19.11 -6.32 -51.55
C LYS B 298 19.04 -5.03 -50.72
N ASN B 299 17.90 -4.83 -50.04
CA ASN B 299 17.72 -3.72 -49.11
C ASN B 299 18.86 -3.61 -48.09
N PRO B 300 19.12 -2.40 -47.58
CA PRO B 300 20.14 -2.25 -46.53
C PRO B 300 19.66 -2.82 -45.20
N ARG B 301 20.58 -2.99 -44.26
CA ARG B 301 20.23 -3.63 -43.00
C ARG B 301 19.31 -2.78 -42.16
N VAL B 302 18.16 -3.33 -41.79
CA VAL B 302 17.22 -2.65 -40.91
C VAL B 302 17.94 -2.16 -39.65
N LYS B 303 17.63 -0.94 -39.23
CA LYS B 303 18.21 -0.43 -37.99
C LYS B 303 17.25 -0.66 -36.81
N PRO B 304 17.80 -0.82 -35.61
CA PRO B 304 16.95 -1.12 -34.46
C PRO B 304 16.21 0.09 -33.91
N TYR B 305 15.05 -0.17 -33.31
CA TYR B 305 14.44 0.81 -32.42
C TYR B 305 15.35 1.05 -31.24
N LYS B 306 15.29 2.25 -30.68
CA LYS B 306 16.09 2.59 -29.52
C LYS B 306 15.18 2.86 -28.33
N PHE B 307 15.13 1.92 -27.39
CA PHE B 307 14.33 2.08 -26.18
C PHE B 307 15.23 2.45 -25.02
N SER B 308 14.77 3.35 -24.16
CA SER B 308 15.54 3.77 -23.00
C SER B 308 15.15 2.98 -21.74
N ASN B 309 16.12 2.30 -21.13
CA ASN B 309 15.87 1.57 -19.90
C ASN B 309 16.30 2.40 -18.69
N GLN B 310 16.37 3.71 -18.89
CA GLN B 310 16.91 4.60 -17.87
C GLN B 310 16.07 4.57 -16.60
N LYS B 311 14.76 4.44 -16.75
CA LYS B 311 13.88 4.49 -15.60
C LYS B 311 14.18 3.37 -14.60
N LEU B 312 14.52 2.19 -15.11
CA LEU B 312 14.86 1.08 -14.23
C LEU B 312 16.32 1.15 -13.75
N LYS B 313 17.21 1.73 -14.56
CA LYS B 313 18.59 1.96 -14.11
C LYS B 313 18.61 2.85 -12.87
N ASP B 314 17.84 3.93 -12.93
CA ASP B 314 17.76 4.88 -11.80
C ASP B 314 17.20 4.27 -10.52
N LEU B 315 16.54 3.11 -10.62
CA LEU B 315 16.13 2.37 -9.42
C LEU B 315 17.21 1.39 -9.00
N GLY B 316 18.27 1.27 -9.79
CA GLY B 316 19.42 0.47 -9.43
C GLY B 316 19.64 -0.78 -10.23
N LEU B 317 18.77 -1.07 -11.19
CA LEU B 317 18.88 -2.32 -11.93
C LEU B 317 20.10 -2.31 -12.86
N GLU B 318 20.95 -3.31 -12.71
CA GLU B 318 22.06 -3.50 -13.63
C GLU B 318 21.75 -4.64 -14.59
N PHE B 319 21.76 -4.32 -15.88
CA PHE B 319 21.30 -5.23 -16.90
C PHE B 319 22.36 -6.24 -17.36
N THR B 320 21.95 -7.50 -17.45
CA THR B 320 22.80 -8.55 -17.98
C THR B 320 22.95 -8.35 -19.49
N PRO B 321 24.20 -8.35 -19.99
CA PRO B 321 24.45 -8.11 -21.42
C PRO B 321 23.75 -9.16 -22.28
N VAL B 322 23.34 -8.79 -23.49
CA VAL B 322 22.63 -9.71 -24.37
C VAL B 322 23.45 -10.95 -24.79
N LYS B 323 24.77 -10.83 -24.82
CA LYS B 323 25.61 -11.98 -25.15
C LYS B 323 25.43 -13.12 -24.15
N GLN B 324 25.37 -12.78 -22.87
CA GLN B 324 25.11 -13.76 -21.82
C GLN B 324 23.70 -14.34 -21.90
N CYS B 325 22.74 -13.52 -22.29
CA CYS B 325 21.36 -13.99 -22.49
C CYS B 325 21.32 -15.11 -23.50
N LEU B 326 22.00 -14.88 -24.63
CA LEU B 326 22.07 -15.86 -25.72
C LEU B 326 22.84 -17.09 -25.28
N TYR B 327 23.98 -16.87 -24.62
CA TYR B 327 24.74 -17.98 -24.05
C TYR B 327 23.87 -18.87 -23.17
N ASP B 328 23.15 -18.25 -22.24
CA ASP B 328 22.35 -18.99 -21.27
C ASP B 328 21.21 -19.70 -21.96
N THR B 329 20.62 -19.04 -22.95
CA THR B 329 19.55 -19.65 -23.73
C THR B 329 20.04 -20.92 -24.39
N VAL B 330 21.15 -20.81 -25.10
CA VAL B 330 21.70 -21.97 -25.77
C VAL B 330 22.09 -23.06 -24.77
N ARG B 331 22.75 -22.67 -23.69
CA ARG B 331 23.17 -23.63 -22.68
C ARG B 331 21.95 -24.40 -22.13
N SER B 332 20.87 -23.68 -21.92
CA SER B 332 19.65 -24.27 -21.41
C SER B 332 18.96 -25.19 -22.44
N LEU B 333 18.94 -24.78 -23.70
CA LEU B 333 18.43 -25.64 -24.77
C LEU B 333 19.23 -26.96 -24.82
N GLN B 334 20.51 -26.88 -24.49
CA GLN B 334 21.33 -28.08 -24.49
C GLN B 334 20.93 -29.01 -23.37
N GLU B 335 20.92 -28.48 -22.14
CA GLU B 335 20.50 -29.23 -20.95
C GLU B 335 19.13 -29.90 -21.09
N LYS B 336 18.15 -29.14 -21.53
CA LYS B 336 16.78 -29.64 -21.65
C LYS B 336 16.57 -30.58 -22.85
N GLY B 337 17.65 -30.89 -23.56
CA GLY B 337 17.60 -31.84 -24.67
C GLY B 337 16.95 -31.39 -25.95
N HIS B 338 16.71 -30.09 -26.13
CA HIS B 338 16.12 -29.61 -27.39
C HIS B 338 17.20 -29.50 -28.45
N LEU B 339 18.42 -29.36 -27.96
CA LEU B 339 19.58 -29.15 -28.81
C LEU B 339 20.63 -30.19 -28.45
N PRO B 340 21.05 -31.00 -29.44
CA PRO B 340 22.16 -31.95 -29.22
C PRO B 340 23.45 -31.25 -28.81
N ILE B 341 24.30 -31.98 -28.09
CA ILE B 341 25.60 -31.49 -27.63
C ILE B 341 26.76 -32.12 -28.46
N PRO B 342 27.82 -31.35 -28.73
CA PRO B 342 28.90 -31.95 -29.56
C PRO B 342 29.74 -32.97 -28.80
N PRO B 343 30.11 -34.08 -29.48
CA PRO B 343 31.03 -35.08 -28.93
C PRO B 343 32.45 -34.53 -28.77
C ACT C . -13.70 23.74 32.85
O ACT C . -14.80 23.26 32.49
OXT ACT C . -12.99 24.22 31.94
CH3 ACT C . -13.24 23.72 34.28
C ACT D . 12.86 -14.61 -37.71
O ACT D . 12.02 -13.88 -37.10
OXT ACT D . 14.06 -14.28 -37.54
CH3 ACT D . 12.46 -15.77 -38.56
C ACT E . 13.99 -3.35 -32.03
O ACT E . 14.44 -3.55 -33.17
OXT ACT E . 12.82 -3.76 -31.79
CH3 ACT E . 14.82 -2.65 -31.00
#